data_3R4R
#
_entry.id   3R4R
#
_cell.length_a   72.983
_cell.length_b   84.801
_cell.length_c   113.599
_cell.angle_alpha   90.000
_cell.angle_beta   90.000
_cell.angle_gamma   90.000
#
_symmetry.space_group_name_H-M   'P 21 21 21'
#
loop_
_entity.id
_entity.type
_entity.pdbx_description
1 polymer 'hypothetical fimbrial assembly protein'
2 non-polymer 'SULFATE ION'
3 non-polymer 1,2-ETHANEDIOL
4 water water
#
_entity_poly.entity_id   1
_entity_poly.type   'polypeptide(L)'
_entity_poly.pdbx_seq_one_letter_code
;GEVPIGFDTDELSFD(MSE)SLVLLTGD(MSE)QTKASDPNYTYATTEELTIQNCHVAVFDKDGKRIYFKNFYSKDLGE
(MSE)KTIGNLSGYELQLEGVRTFGKEDKKVSVLVVANANNANNSPFDNLTTYDGVDNSYTAKTIAKGPVTASLLVKIGK
SETTLKYNQDNAPVTVSLIQLSAKIEYTGVYKKENGELLEGFSLTKVAGLNASSKITIFNTSAVENGAFSDLAYPTTKPV
TFYTYEISDAFKEVILSVQSGVEPKEYPFPANKFIKGNYYRIKGLKSSTEIEWVLENVEDKEVTLDPFE
;
_entity_poly.pdbx_strand_id   A,B
#
# COMPACT_ATOMS: atom_id res chain seq x y z
N ASP A 10 24.87 -10.13 37.83
CA ASP A 10 25.12 -8.83 37.20
C ASP A 10 23.88 -8.41 36.38
N GLU A 11 23.26 -7.26 36.76
CA GLU A 11 22.04 -6.71 36.14
C GLU A 11 21.90 -5.18 36.44
N LEU A 12 21.59 -4.37 35.38
CA LEU A 12 21.34 -2.92 35.45
C LEU A 12 19.84 -2.64 35.20
N SER A 13 19.33 -1.50 35.71
CA SER A 13 17.91 -1.12 35.63
C SER A 13 17.72 0.32 35.09
N PHE A 14 16.97 0.45 34.00
CA PHE A 14 16.66 1.74 33.37
C PHE A 14 15.25 2.18 33.55
N ASP A 15 15.07 3.49 33.45
CA ASP A 15 13.77 4.15 33.42
C ASP A 15 13.71 4.98 32.14
N SER A 17 11.67 7.58 29.45
CA SER A 17 10.69 8.63 29.23
C SER A 17 10.07 8.40 27.86
N LEU A 18 8.73 8.20 27.82
CA LEU A 18 8.00 7.85 26.61
C LEU A 18 7.01 8.96 26.21
N VAL A 19 7.00 9.36 24.93
CA VAL A 19 6.08 10.38 24.42
C VAL A 19 5.19 9.73 23.33
N LEU A 20 3.85 9.68 23.55
CA LEU A 20 2.90 9.08 22.61
C LEU A 20 2.16 10.17 21.86
N LEU A 21 2.46 10.32 20.55
CA LEU A 21 1.85 11.34 19.71
C LEU A 21 0.77 10.71 18.85
N THR A 22 -0.45 11.16 19.13
CA THR A 22 -1.72 10.77 18.54
C THR A 22 -1.99 11.59 17.26
N GLY A 23 -1.55 12.85 17.24
CA GLY A 23 -1.73 13.73 16.10
C GLY A 23 -0.66 14.79 15.91
N ASP A 24 -0.25 14.96 14.61
CA ASP A 24 0.75 15.92 14.11
C ASP A 24 0.14 16.84 13.04
N THR A 35 -6.35 18.60 12.16
CA THR A 35 -7.39 19.28 12.93
C THR A 35 -8.83 18.66 12.65
N TYR A 36 -8.88 17.46 11.98
CA TYR A 36 -10.08 16.70 11.61
CA TYR A 36 -10.16 16.80 11.68
C TYR A 36 -10.44 15.64 12.68
N ALA A 37 -9.45 15.21 13.50
CA ALA A 37 -9.71 14.21 14.53
C ALA A 37 -10.26 14.92 15.77
N THR A 38 -11.32 14.40 16.38
CA THR A 38 -11.89 15.06 17.56
C THR A 38 -11.04 14.71 18.79
N THR A 39 -11.25 15.45 19.89
CA THR A 39 -10.57 15.25 21.17
C THR A 39 -10.87 13.83 21.60
N GLU A 40 -12.12 13.33 21.39
CA GLU A 40 -12.48 11.94 21.70
C GLU A 40 -11.61 10.95 20.92
N GLU A 41 -11.51 11.15 19.61
CA GLU A 41 -10.77 10.27 18.70
C GLU A 41 -9.25 10.29 18.97
N LEU A 42 -8.74 11.29 19.68
CA LEU A 42 -7.33 11.42 20.05
C LEU A 42 -7.07 10.86 21.44
N THR A 43 -8.14 10.53 22.18
CA THR A 43 -8.06 10.06 23.58
C THR A 43 -7.50 8.66 23.66
N ILE A 44 -6.62 8.48 24.65
CA ILE A 44 -6.06 7.21 25.06
C ILE A 44 -6.49 7.03 26.51
N GLN A 45 -7.27 5.96 26.78
CA GLN A 45 -7.78 5.66 28.12
C GLN A 45 -6.89 4.63 28.80
N ASN A 46 -6.16 3.84 28.01
CA ASN A 46 -5.26 2.77 28.47
C ASN A 46 -4.31 2.36 27.35
N CYS A 47 -3.19 1.74 27.68
CA CYS A 47 -2.24 1.25 26.67
C CYS A 47 -1.40 0.12 27.25
N HIS A 48 -0.81 -0.63 26.33
CA HIS A 48 0.14 -1.70 26.53
C HIS A 48 1.44 -1.27 25.89
N VAL A 49 2.53 -1.25 26.66
CA VAL A 49 3.84 -0.87 26.14
C VAL A 49 4.74 -2.09 26.29
N ALA A 50 5.38 -2.46 25.20
CA ALA A 50 6.28 -3.60 25.13
C ALA A 50 7.65 -3.15 24.67
N VAL A 51 8.73 -3.65 25.31
CA VAL A 51 10.12 -3.35 24.97
C VAL A 51 10.80 -4.67 24.55
N PHE A 52 11.45 -4.67 23.38
CA PHE A 52 12.10 -5.85 22.81
C PHE A 52 13.57 -5.64 22.56
N ASP A 53 14.36 -6.74 22.61
CA ASP A 53 15.79 -6.68 22.28
C ASP A 53 15.96 -6.77 20.74
N LYS A 54 17.22 -6.81 20.25
CA LYS A 54 17.53 -6.89 18.83
C LYS A 54 16.98 -8.18 18.18
N ASP A 55 16.85 -9.28 18.96
CA ASP A 55 16.41 -10.60 18.50
C ASP A 55 14.85 -10.75 18.53
N GLY A 56 14.13 -9.68 18.95
CA GLY A 56 12.67 -9.66 19.06
C GLY A 56 12.09 -10.28 20.33
N LYS A 57 12.92 -10.47 21.33
CA LYS A 57 12.48 -11.06 22.60
C LYS A 57 11.97 -9.95 23.50
N ARG A 58 10.76 -10.09 24.05
CA ARG A 58 10.22 -9.05 24.91
C ARG A 58 10.97 -9.11 26.24
N ILE A 59 11.57 -7.98 26.64
CA ILE A 59 12.34 -7.88 27.88
C ILE A 59 11.49 -7.15 28.95
N TYR A 60 10.55 -6.29 28.53
CA TYR A 60 9.70 -5.53 29.45
C TYR A 60 8.33 -5.26 28.84
N PHE A 61 7.30 -5.19 29.70
CA PHE A 61 5.97 -4.76 29.27
C PHE A 61 5.27 -4.10 30.47
N LYS A 62 4.34 -3.18 30.20
CA LYS A 62 3.56 -2.55 31.27
C LYS A 62 2.25 -2.11 30.66
N ASN A 63 1.19 -2.24 31.47
CA ASN A 63 -0.17 -1.83 31.12
C ASN A 63 -0.50 -0.61 31.93
N PHE A 64 -0.70 0.53 31.23
CA PHE A 64 -1.08 1.84 31.79
C PHE A 64 -2.55 2.09 31.65
N TYR A 65 -3.13 2.83 32.62
CA TYR A 65 -4.55 3.18 32.63
C TYR A 65 -4.67 4.71 32.80
N SER A 66 -5.89 5.26 32.74
CA SER A 66 -6.17 6.71 32.71
C SER A 66 -5.44 7.49 33.83
N LYS A 67 -5.28 6.94 35.04
CA LYS A 67 -4.58 7.66 36.13
C LYS A 67 -3.06 7.77 35.86
N ASP A 68 -2.49 6.82 35.06
CA ASP A 68 -1.07 6.71 34.73
C ASP A 68 -0.69 7.57 33.53
N LEU A 69 -1.58 7.62 32.53
CA LEU A 69 -1.41 8.34 31.24
C LEU A 69 -1.39 9.86 31.44
N GLY A 70 -1.98 10.32 32.53
CA GLY A 70 -2.05 11.74 32.87
C GLY A 70 -2.96 12.50 31.93
N GLU A 71 -2.68 13.80 31.71
CA GLU A 71 -3.53 14.62 30.85
C GLU A 71 -2.95 14.72 29.42
N LYS A 73 -1.47 16.57 26.69
CA LYS A 73 -0.65 17.76 26.46
C LYS A 73 -0.81 18.21 25.01
N THR A 74 -0.90 19.53 24.80
CA THR A 74 -1.11 20.10 23.48
C THR A 74 -0.31 21.41 23.30
N ILE A 75 0.57 21.42 22.28
CA ILE A 75 1.34 22.63 21.92
C ILE A 75 0.95 22.94 20.48
N GLY A 76 -0.04 23.83 20.35
CA GLY A 76 -0.60 24.28 19.08
C GLY A 76 -1.21 23.14 18.27
N ASN A 77 -0.48 22.72 17.22
CA ASN A 77 -0.83 21.69 16.23
C ASN A 77 -0.52 20.25 16.72
N LEU A 78 0.39 20.09 17.71
CA LEU A 78 0.82 18.80 18.24
C LEU A 78 0.03 18.40 19.50
N SER A 79 -0.12 17.09 19.74
CA SER A 79 -0.88 16.56 20.87
C SER A 79 -0.42 15.14 21.23
N GLY A 80 -0.34 14.91 22.54
CA GLY A 80 0.11 13.65 23.09
C GLY A 80 0.11 13.46 24.58
N TYR A 81 0.65 12.31 24.98
CA TYR A 81 0.77 11.84 26.36
C TYR A 81 2.20 11.51 26.69
N GLU A 82 2.59 11.71 27.96
CA GLU A 82 3.90 11.37 28.49
C GLU A 82 3.77 10.21 29.45
N LEU A 83 4.67 9.22 29.35
CA LEU A 83 4.72 8.04 30.21
C LEU A 83 6.11 7.71 30.66
N GLN A 84 6.20 7.08 31.83
CA GLN A 84 7.43 6.57 32.41
C GLN A 84 7.42 5.05 32.45
N LEU A 85 8.45 4.44 31.89
CA LEU A 85 8.76 3.01 31.96
C LEU A 85 9.79 2.81 33.05
N GLU A 86 9.36 2.43 34.27
CA GLU A 86 10.29 2.16 35.37
C GLU A 86 10.75 0.71 35.35
N GLY A 87 12.02 0.51 35.72
CA GLY A 87 12.64 -0.79 35.88
C GLY A 87 12.76 -1.70 34.68
N VAL A 88 13.28 -1.16 33.56
CA VAL A 88 13.57 -1.98 32.37
C VAL A 88 14.91 -2.65 32.67
N ARG A 89 14.92 -3.99 32.76
CA ARG A 89 16.13 -4.72 33.15
C ARG A 89 16.96 -5.13 31.93
N THR A 90 18.27 -4.82 32.02
CA THR A 90 19.33 -5.17 31.05
C THR A 90 20.37 -6.01 31.83
N PHE A 91 21.53 -6.34 31.24
CA PHE A 91 22.49 -7.14 31.99
C PHE A 91 23.91 -6.47 31.97
N GLY A 92 23.92 -5.17 31.69
CA GLY A 92 25.09 -4.29 31.74
C GLY A 92 26.28 -4.60 30.84
N LYS A 93 26.22 -4.12 29.58
CA LYS A 93 27.28 -4.25 28.57
C LYS A 93 27.22 -3.02 27.64
N GLU A 94 27.34 -1.82 28.26
CA GLU A 94 27.29 -0.50 27.63
C GLU A 94 25.92 -0.30 26.95
N ASP A 95 25.89 0.32 25.75
CA ASP A 95 24.67 0.63 24.99
C ASP A 95 23.93 -0.64 24.53
N LYS A 96 22.60 -0.63 24.66
CA LYS A 96 21.71 -1.73 24.27
C LYS A 96 20.56 -1.18 23.41
N LYS A 97 20.60 -1.46 22.08
CA LYS A 97 19.60 -1.04 21.10
C LYS A 97 18.34 -1.86 21.28
N VAL A 98 17.20 -1.18 21.51
CA VAL A 98 15.89 -1.83 21.75
C VAL A 98 14.77 -1.16 20.89
N SER A 99 13.61 -1.82 20.80
CA SER A 99 12.43 -1.25 20.13
C SER A 99 11.23 -1.28 21.10
N VAL A 100 10.40 -0.22 21.04
CA VAL A 100 9.24 -0.09 21.90
C VAL A 100 7.96 -0.04 21.01
N LEU A 101 7.01 -0.94 21.28
CA LEU A 101 5.69 -1.07 20.63
C LEU A 101 4.57 -0.66 21.60
N VAL A 102 3.66 0.22 21.15
CA VAL A 102 2.56 0.69 22.00
C VAL A 102 1.21 0.29 21.36
N VAL A 103 0.34 -0.36 22.13
CA VAL A 103 -1.02 -0.69 21.69
C VAL A 103 -1.96 0.08 22.62
N ALA A 104 -2.66 1.10 22.09
CA ALA A 104 -3.54 1.92 22.92
C ALA A 104 -5.01 1.50 22.80
N ASN A 105 -5.73 1.56 23.93
CA ASN A 105 -7.18 1.34 24.17
C ASN A 105 -7.66 -0.07 23.85
N ALA A 106 -6.80 -1.09 24.08
CA ALA A 106 -7.12 -2.51 23.84
C ALA A 106 -6.99 -3.37 25.13
N ASN A 107 -6.56 -2.76 26.24
CA ASN A 107 -6.44 -3.46 27.53
C ASN A 107 -7.79 -3.91 28.07
N ASN A 108 -7.76 -4.88 28.98
CA ASN A 108 -8.88 -5.36 29.76
C ASN A 108 -8.90 -4.52 31.05
N ALA A 109 -9.78 -4.83 32.00
CA ALA A 109 -9.86 -4.05 33.24
C ALA A 109 -8.53 -3.93 34.01
N ASN A 110 -7.77 -5.04 34.21
CA ASN A 110 -6.53 -5.11 35.01
C ASN A 110 -5.28 -5.59 34.24
N ASN A 111 -5.47 -6.05 33.02
CA ASN A 111 -4.38 -6.60 32.22
C ASN A 111 -4.65 -6.37 30.75
N SER A 112 -3.77 -6.86 29.83
CA SER A 112 -4.04 -6.72 28.40
C SER A 112 -4.10 -8.09 27.73
N PRO A 113 -4.74 -8.19 26.53
CA PRO A 113 -4.71 -9.48 25.80
C PRO A 113 -3.31 -9.84 25.22
N PHE A 114 -2.27 -9.00 25.42
CA PHE A 114 -0.92 -9.17 24.85
C PHE A 114 0.11 -9.62 25.88
N ASP A 115 -0.33 -9.77 27.14
CA ASP A 115 0.54 -10.10 28.28
C ASP A 115 1.29 -11.44 28.13
N ASN A 116 0.73 -12.42 27.42
CA ASN A 116 1.38 -13.72 27.26
C ASN A 116 2.21 -13.79 25.96
N LEU A 117 2.34 -12.68 25.22
CA LEU A 117 3.10 -12.63 23.95
C LEU A 117 4.58 -12.37 24.29
N THR A 118 5.42 -13.39 24.16
CA THR A 118 6.80 -13.36 24.62
C THR A 118 7.80 -12.93 23.51
N THR A 119 7.37 -12.85 22.24
CA THR A 119 8.21 -12.40 21.12
C THR A 119 7.42 -11.47 20.20
N TYR A 120 8.11 -10.58 19.48
CA TYR A 120 7.49 -9.69 18.51
C TYR A 120 7.03 -10.49 17.27
N ASP A 121 7.95 -11.18 16.58
CA ASP A 121 7.64 -12.01 15.43
C ASP A 121 8.03 -13.43 15.76
N GLY A 122 7.07 -14.33 15.75
CA GLY A 122 7.25 -15.73 16.09
C GLY A 122 6.12 -16.60 15.58
N VAL A 123 6.31 -17.94 15.67
CA VAL A 123 5.31 -18.92 15.19
C VAL A 123 4.10 -18.93 16.17
N ASP A 124 4.40 -19.13 17.47
CA ASP A 124 3.43 -19.14 18.57
C ASP A 124 3.63 -17.97 19.53
N ASN A 125 2.51 -17.45 20.10
CA ASN A 125 2.42 -16.39 21.12
C ASN A 125 3.26 -15.15 20.69
N SER A 126 2.95 -14.62 19.52
CA SER A 126 3.65 -13.44 19.01
CA SER A 126 3.63 -13.47 18.97
C SER A 126 2.67 -12.30 18.73
N TYR A 127 3.20 -11.05 18.74
CA TYR A 127 2.44 -9.85 18.46
C TYR A 127 2.06 -9.78 17.00
N THR A 128 2.93 -10.30 16.08
CA THR A 128 2.63 -10.29 14.64
C THR A 128 1.48 -11.27 14.32
N ALA A 129 1.34 -12.35 15.09
CA ALA A 129 0.28 -13.34 14.90
C ALA A 129 -1.04 -12.91 15.58
N LYS A 130 -0.95 -11.99 16.59
CA LYS A 130 -2.09 -11.53 17.39
C LYS A 130 -3.15 -10.80 16.55
N THR A 131 -4.40 -11.18 16.79
CA THR A 131 -5.63 -10.63 16.24
C THR A 131 -6.53 -10.24 17.40
N ILE A 132 -6.98 -8.97 17.39
CA ILE A 132 -7.95 -8.46 18.35
C ILE A 132 -9.29 -8.42 17.62
N ALA A 133 -10.39 -8.80 18.31
CA ALA A 133 -11.75 -8.89 17.73
C ALA A 133 -12.72 -7.89 18.36
N LYS A 134 -12.19 -6.81 18.99
CA LYS A 134 -13.02 -5.76 19.59
C LYS A 134 -13.02 -4.56 18.64
N GLY A 135 -14.13 -4.47 17.92
CA GLY A 135 -14.39 -3.46 16.89
C GLY A 135 -14.43 -2.02 17.30
N PRO A 136 -14.10 -1.11 16.35
CA PRO A 136 -14.15 0.34 16.65
C PRO A 136 -15.61 0.85 16.75
N VAL A 137 -16.05 1.27 17.96
CA VAL A 137 -17.43 1.71 18.18
C VAL A 137 -17.47 3.07 18.93
N THR A 138 -16.73 3.17 20.04
CA THR A 138 -16.65 4.36 20.90
C THR A 138 -15.46 5.22 20.44
N ALA A 139 -15.73 6.50 20.13
CA ALA A 139 -14.76 7.50 19.64
C ALA A 139 -13.58 7.67 20.62
N SER A 140 -13.87 7.66 21.94
CA SER A 140 -12.89 7.83 23.01
C SER A 140 -12.15 6.50 23.37
N LEU A 141 -12.50 5.36 22.74
CA LEU A 141 -11.83 4.09 23.00
C LEU A 141 -11.48 3.43 21.64
N LEU A 142 -10.88 4.20 20.74
CA LEU A 142 -10.39 3.72 19.43
C LEU A 142 -8.95 3.26 19.57
N VAL A 143 -8.63 2.08 19.01
CA VAL A 143 -7.31 1.49 19.16
C VAL A 143 -6.32 2.21 18.23
N LYS A 144 -5.14 2.55 18.80
CA LYS A 144 -3.99 3.16 18.13
C LYS A 144 -2.76 2.30 18.36
N ILE A 145 -1.85 2.24 17.38
CA ILE A 145 -0.63 1.42 17.52
C ILE A 145 0.58 2.20 16.95
N GLY A 146 1.76 1.98 17.54
CA GLY A 146 2.99 2.62 17.10
C GLY A 146 4.22 1.84 17.51
N LYS A 147 5.35 2.06 16.79
CA LYS A 147 6.63 1.40 17.10
C LYS A 147 7.82 2.36 16.85
N SER A 148 8.80 2.36 17.79
CA SER A 148 10.00 3.20 17.67
C SER A 148 11.25 2.45 18.16
N GLU A 149 12.38 2.70 17.51
CA GLU A 149 13.68 2.11 17.82
C GLU A 149 14.54 3.12 18.56
N THR A 150 15.22 2.69 19.65
CA THR A 150 16.10 3.56 20.46
C THR A 150 17.26 2.73 21.07
N THR A 151 18.21 3.43 21.72
CA THR A 151 19.36 2.82 22.38
C THR A 151 19.39 3.28 23.84
N LEU A 152 19.44 2.32 24.78
CA LEU A 152 19.52 2.58 26.21
C LEU A 152 20.98 2.86 26.59
N LYS A 153 21.30 4.14 26.90
CA LYS A 153 22.65 4.59 27.24
C LYS A 153 22.99 4.25 28.70
N TYR A 154 23.89 3.27 28.90
CA TYR A 154 24.33 2.76 30.22
C TYR A 154 25.14 3.79 30.99
N ASN A 155 24.85 3.92 32.32
CA ASN A 155 25.46 4.84 33.30
C ASN A 155 25.56 6.28 32.70
N GLN A 156 24.50 6.68 31.97
CA GLN A 156 24.36 7.98 31.30
C GLN A 156 22.93 8.49 31.46
N ASP A 157 22.78 9.83 31.44
CA ASP A 157 21.52 10.55 31.62
C ASP A 157 20.52 10.19 30.51
N ASN A 158 19.25 9.90 30.90
CA ASN A 158 18.13 9.51 30.02
C ASN A 158 17.75 10.64 29.03
N ALA A 159 17.12 10.24 27.90
CA ALA A 159 16.63 11.12 26.83
C ALA A 159 15.26 10.63 26.32
N PRO A 160 14.27 11.54 26.09
CA PRO A 160 12.93 11.08 25.70
C PRO A 160 12.89 10.37 24.34
N VAL A 161 12.01 9.37 24.23
CA VAL A 161 11.77 8.58 23.02
C VAL A 161 10.30 8.70 22.68
N THR A 162 10.04 9.27 21.49
CA THR A 162 8.72 9.54 20.98
C THR A 162 8.23 8.33 20.14
N VAL A 163 6.96 7.95 20.35
CA VAL A 163 6.26 6.91 19.59
C VAL A 163 5.07 7.56 18.86
N SER A 164 5.09 7.55 17.52
CA SER A 164 4.00 8.09 16.73
C SER A 164 2.96 7.01 16.51
N LEU A 165 1.77 7.21 17.09
CA LEU A 165 0.66 6.27 17.02
C LEU A 165 -0.27 6.56 15.87
N ILE A 166 -0.70 5.51 15.18
CA ILE A 166 -1.69 5.65 14.11
C ILE A 166 -2.98 5.06 14.61
N GLN A 167 -4.06 5.52 14.01
CA GLN A 167 -5.43 5.04 14.18
C GLN A 167 -5.55 3.71 13.43
N LEU A 168 -5.86 2.61 14.13
CA LEU A 168 -5.94 1.27 13.53
C LEU A 168 -7.25 1.12 12.71
N SER A 169 -8.21 1.98 12.94
CA SER A 169 -9.46 2.00 12.21
C SER A 169 -9.48 3.13 11.19
N ALA A 170 -10.40 3.04 10.24
CA ALA A 170 -10.74 4.08 9.30
C ALA A 170 -12.00 4.80 9.79
N LYS A 171 -12.08 6.14 9.58
CA LYS A 171 -13.23 6.95 9.96
C LYS A 171 -14.04 7.26 8.70
N ILE A 172 -15.34 6.95 8.72
CA ILE A 172 -16.21 7.14 7.54
C ILE A 172 -17.42 8.01 7.93
N GLU A 173 -17.60 9.15 7.22
CA GLU A 173 -18.74 10.04 7.42
C GLU A 173 -19.65 10.05 6.17
N TYR A 174 -20.91 9.61 6.29
CA TYR A 174 -21.88 9.74 5.19
C TYR A 174 -22.49 11.13 5.30
N THR A 175 -22.31 11.97 4.27
CA THR A 175 -22.72 13.38 4.32
C THR A 175 -24.01 13.66 3.50
N GLY A 176 -24.70 12.63 3.03
CA GLY A 176 -25.97 12.78 2.33
C GLY A 176 -25.92 12.68 0.83
N VAL A 177 -27.06 13.07 0.18
CA VAL A 177 -27.30 13.11 -1.25
C VAL A 177 -27.61 14.58 -1.61
N TYR A 178 -26.93 15.08 -2.67
CA TYR A 178 -26.99 16.46 -3.15
C TYR A 178 -27.45 16.54 -4.59
N LYS A 179 -27.97 17.71 -5.01
CA LYS A 179 -28.37 17.87 -6.41
C LYS A 179 -27.12 18.20 -7.22
N LYS A 180 -26.77 17.31 -8.18
CA LYS A 180 -25.59 17.37 -9.07
C LYS A 180 -25.44 18.74 -9.77
N GLU A 181 -26.58 19.42 -10.03
CA GLU A 181 -26.70 20.67 -10.77
C GLU A 181 -26.29 21.92 -9.96
N ASN A 182 -26.59 21.99 -8.65
CA ASN A 182 -26.30 23.20 -7.87
C ASN A 182 -25.54 22.93 -6.54
N GLY A 183 -25.43 21.67 -6.13
CA GLY A 183 -24.75 21.28 -4.89
C GLY A 183 -25.61 21.42 -3.65
N GLU A 184 -26.92 21.60 -3.86
CA GLU A 184 -27.92 21.75 -2.81
C GLU A 184 -28.23 20.39 -2.21
N LEU A 185 -28.26 20.34 -0.88
CA LEU A 185 -28.55 19.14 -0.11
C LEU A 185 -30.04 18.81 -0.16
N LEU A 186 -30.36 17.53 -0.48
CA LEU A 186 -31.74 17.04 -0.53
C LEU A 186 -32.19 16.53 0.83
N GLU A 187 -33.49 16.69 1.13
CA GLU A 187 -34.03 16.16 2.37
C GLU A 187 -34.31 14.65 2.14
N GLY A 188 -34.26 13.87 3.20
CA GLY A 188 -34.44 12.44 3.11
C GLY A 188 -33.11 11.78 2.84
N PHE A 189 -33.14 10.65 2.11
CA PHE A 189 -31.94 9.85 1.79
C PHE A 189 -31.22 9.47 3.11
N SER A 190 -32.01 8.92 4.05
CA SER A 190 -31.53 8.49 5.36
C SER A 190 -30.68 7.24 5.25
N LEU A 191 -29.61 7.19 6.05
CA LEU A 191 -28.78 6.00 6.11
C LEU A 191 -29.48 5.05 7.07
N THR A 192 -29.92 3.90 6.54
CA THR A 192 -30.67 2.90 7.32
C THR A 192 -29.82 1.70 7.71
N LYS A 193 -28.75 1.40 6.94
CA LYS A 193 -27.90 0.23 7.20
C LYS A 193 -26.55 0.38 6.58
N VAL A 194 -25.53 -0.15 7.29
CA VAL A 194 -24.17 -0.29 6.81
C VAL A 194 -23.81 -1.75 7.07
N ALA A 195 -23.53 -2.46 6.00
CA ALA A 195 -23.21 -3.89 6.09
C ALA A 195 -21.76 -4.14 5.63
N GLY A 196 -21.06 -5.01 6.34
CA GLY A 196 -19.71 -5.39 5.96
C GLY A 196 -18.58 -4.74 6.72
N LEU A 197 -18.90 -3.98 7.79
CA LEU A 197 -17.88 -3.33 8.65
C LEU A 197 -17.11 -4.42 9.36
N ASN A 198 -15.79 -4.21 9.58
CA ASN A 198 -14.89 -5.20 10.17
C ASN A 198 -14.59 -4.91 11.63
N ALA A 199 -14.69 -5.96 12.47
CA ALA A 199 -14.46 -5.89 13.93
C ALA A 199 -13.12 -6.56 14.34
N SER A 200 -12.41 -7.23 13.44
CA SER A 200 -11.13 -7.89 13.77
C SER A 200 -9.92 -7.24 13.06
N SER A 201 -8.74 -7.26 13.73
CA SER A 201 -7.53 -6.65 13.16
C SER A 201 -6.26 -7.21 13.73
N LYS A 202 -5.18 -7.09 12.92
CA LYS A 202 -3.78 -7.35 13.27
C LYS A 202 -3.27 -6.06 13.95
N ILE A 203 -2.26 -6.14 14.82
CA ILE A 203 -1.79 -4.99 15.60
C ILE A 203 -0.32 -4.60 15.31
N THR A 204 0.25 -5.09 14.20
CA THR A 204 1.65 -4.81 13.88
C THR A 204 1.80 -4.15 12.50
N ILE A 205 0.67 -3.60 11.98
CA ILE A 205 0.53 -3.00 10.66
C ILE A 205 0.48 -1.47 10.84
N PHE A 206 1.43 -0.76 10.21
CA PHE A 206 1.56 0.68 10.42
C PHE A 206 1.50 1.55 9.13
N ASN A 207 1.15 1.00 7.96
CA ASN A 207 1.14 1.83 6.74
C ASN A 207 -0.22 2.47 6.56
N THR A 208 -0.27 3.80 6.74
CA THR A 208 -1.53 4.56 6.63
C THR A 208 -1.81 4.93 5.14
N SER A 209 -1.20 4.20 4.20
CA SER A 209 -1.33 4.39 2.75
C SER A 209 -1.69 3.08 2.02
N ALA A 210 -1.54 1.91 2.67
CA ALA A 210 -1.85 0.63 2.05
C ALA A 210 -2.62 -0.27 3.00
N VAL A 211 -3.59 -1.05 2.47
CA VAL A 211 -4.43 -1.94 3.29
C VAL A 211 -3.56 -3.20 3.60
N GLU A 212 -3.35 -3.51 4.91
CA GLU A 212 -2.49 -4.63 5.35
C GLU A 212 -3.26 -5.65 6.23
N ASN A 213 -4.41 -5.25 6.84
CA ASN A 213 -5.14 -6.15 7.74
C ASN A 213 -5.88 -7.35 6.98
N GLY A 214 -5.41 -8.56 7.28
CA GLY A 214 -5.93 -9.83 6.79
C GLY A 214 -7.02 -10.42 7.66
N ALA A 215 -7.14 -9.93 8.93
CA ALA A 215 -8.16 -10.37 9.90
C ALA A 215 -9.53 -9.76 9.56
N PHE A 216 -10.61 -10.56 9.72
CA PHE A 216 -11.97 -10.09 9.48
C PHE A 216 -13.00 -10.85 10.33
N SER A 217 -13.98 -10.09 10.87
CA SER A 217 -15.20 -10.54 11.56
C SER A 217 -16.25 -9.44 11.43
N ASP A 218 -17.53 -9.81 11.37
CA ASP A 218 -18.63 -8.85 11.20
C ASP A 218 -18.80 -7.87 12.37
N LEU A 219 -18.90 -6.55 12.02
CA LEU A 219 -19.14 -5.44 12.94
C LEU A 219 -20.51 -4.88 12.66
N ALA A 220 -21.43 -5.04 13.61
CA ALA A 220 -22.80 -4.59 13.43
C ALA A 220 -22.87 -3.11 13.35
N TYR A 221 -23.76 -2.61 12.47
CA TYR A 221 -24.08 -1.20 12.37
C TYR A 221 -24.97 -0.84 13.56
N PRO A 222 -24.58 0.14 14.42
CA PRO A 222 -25.38 0.44 15.61
C PRO A 222 -26.85 0.74 15.30
N THR A 223 -27.72 0.47 16.27
CA THR A 223 -29.17 0.66 16.22
C THR A 223 -29.51 2.17 16.26
N THR A 224 -28.52 3.03 16.61
CA THR A 224 -28.66 4.50 16.66
C THR A 224 -28.46 5.08 15.23
N LYS A 225 -28.06 4.19 14.26
CA LYS A 225 -27.81 4.50 12.84
C LYS A 225 -26.95 5.79 12.70
N PRO A 226 -25.70 5.80 13.21
CA PRO A 226 -24.89 7.04 13.11
C PRO A 226 -24.41 7.33 11.70
N VAL A 227 -24.15 8.62 11.44
CA VAL A 227 -23.71 9.21 10.17
C VAL A 227 -22.16 9.10 10.11
N THR A 228 -21.48 9.13 11.25
CA THR A 228 -20.02 8.90 11.34
C THR A 228 -19.83 7.54 12.02
N PHE A 229 -19.12 6.63 11.35
CA PHE A 229 -18.90 5.29 11.87
C PHE A 229 -17.46 4.82 11.50
N TYR A 230 -17.00 3.69 12.11
CA TYR A 230 -15.65 3.17 11.99
C TYR A 230 -15.61 1.70 11.61
N THR A 231 -14.44 1.26 11.10
CA THR A 231 -14.15 -0.12 10.72
C THR A 231 -12.62 -0.34 10.68
N TYR A 232 -12.20 -1.60 10.91
CA TYR A 232 -10.82 -1.95 10.70
C TYR A 232 -10.67 -2.23 9.21
N GLU A 233 -9.46 -2.04 8.62
CA GLU A 233 -9.13 -2.38 7.21
C GLU A 233 -9.65 -3.74 6.77
N ILE A 234 -9.91 -3.88 5.46
CA ILE A 234 -10.38 -5.11 4.84
C ILE A 234 -9.53 -5.34 3.60
N SER A 235 -8.60 -6.35 3.62
CA SER A 235 -7.68 -6.68 2.54
CA SER A 235 -7.69 -6.65 2.52
C SER A 235 -8.38 -7.34 1.34
N ASP A 236 -9.37 -8.25 1.60
CA ASP A 236 -10.06 -8.96 0.52
C ASP A 236 -10.61 -7.95 -0.49
N ALA A 237 -10.21 -8.12 -1.76
CA ALA A 237 -10.60 -7.26 -2.89
C ALA A 237 -12.06 -7.53 -3.31
N PHE A 238 -12.66 -8.64 -2.82
CA PHE A 238 -14.01 -9.12 -3.15
C PHE A 238 -15.03 -8.73 -2.04
N LYS A 239 -14.57 -8.12 -0.93
CA LYS A 239 -15.48 -7.71 0.13
C LYS A 239 -15.98 -6.28 -0.12
N GLU A 240 -17.20 -6.01 0.37
CA GLU A 240 -17.86 -4.73 0.17
C GLU A 240 -18.49 -4.20 1.44
N VAL A 241 -18.53 -2.86 1.55
CA VAL A 241 -19.22 -2.13 2.60
C VAL A 241 -20.45 -1.54 1.88
N ILE A 242 -21.66 -2.03 2.26
CA ILE A 242 -22.92 -1.72 1.58
C ILE A 242 -23.79 -0.79 2.42
N LEU A 243 -24.07 0.38 1.84
CA LEU A 243 -24.92 1.42 2.40
C LEU A 243 -26.34 1.29 1.87
N SER A 244 -27.33 1.23 2.78
CA SER A 244 -28.76 1.18 2.46
C SER A 244 -29.34 2.54 2.78
N VAL A 245 -29.65 3.30 1.71
CA VAL A 245 -30.14 4.68 1.78
C VAL A 245 -31.56 4.73 1.22
N GLN A 246 -32.49 5.46 1.92
CA GLN A 246 -33.89 5.64 1.52
C GLN A 246 -34.01 6.29 0.15
N SER A 247 -34.77 5.64 -0.74
CA SER A 247 -34.99 6.11 -2.11
C SER A 247 -36.49 6.12 -2.42
N GLY A 248 -37.29 6.12 -1.36
CA GLY A 248 -38.76 6.14 -1.43
C GLY A 248 -39.38 5.12 -0.49
N VAL A 249 -40.11 4.14 -1.08
CA VAL A 249 -40.80 3.06 -0.36
C VAL A 249 -39.79 2.15 0.33
N GLU A 250 -38.86 1.54 -0.45
CA GLU A 250 -37.83 0.63 0.05
C GLU A 250 -36.43 1.27 -0.09
N PRO A 251 -35.53 1.13 0.92
CA PRO A 251 -34.17 1.69 0.77
C PRO A 251 -33.32 0.86 -0.17
N LYS A 252 -32.62 1.52 -1.12
CA LYS A 252 -31.77 0.83 -2.08
C LYS A 252 -30.35 0.59 -1.50
N GLU A 253 -29.71 -0.52 -1.91
CA GLU A 253 -28.33 -0.86 -1.53
C GLU A 253 -27.35 -0.22 -2.48
N TYR A 254 -26.21 0.24 -1.94
CA TYR A 254 -25.14 0.89 -2.68
C TYR A 254 -23.78 0.34 -2.17
N PRO A 255 -23.04 -0.41 -3.01
CA PRO A 255 -21.79 -1.04 -2.53
C PRO A 255 -20.53 -0.22 -2.84
N PHE A 256 -19.57 -0.25 -1.89
CA PHE A 256 -18.27 0.41 -1.98
C PHE A 256 -17.14 -0.61 -1.81
N PRO A 257 -15.97 -0.48 -2.49
CA PRO A 257 -14.91 -1.47 -2.31
C PRO A 257 -14.31 -1.31 -0.92
N ALA A 258 -14.44 -2.37 -0.10
CA ALA A 258 -14.03 -2.41 1.32
C ALA A 258 -12.54 -2.05 1.50
N ASN A 259 -11.69 -2.40 0.52
CA ASN A 259 -10.25 -2.15 0.59
C ASN A 259 -9.88 -0.64 0.29
N LYS A 260 -10.88 0.24 0.06
CA LYS A 260 -10.59 1.66 -0.17
C LYS A 260 -10.42 2.41 1.18
N PHE A 261 -10.91 1.80 2.29
CA PHE A 261 -10.88 2.42 3.62
C PHE A 261 -9.67 1.91 4.39
N ILE A 262 -8.58 2.70 4.37
CA ILE A 262 -7.32 2.35 4.99
C ILE A 262 -7.26 2.95 6.40
N LYS A 263 -6.69 2.21 7.35
CA LYS A 263 -6.48 2.63 8.72
C LYS A 263 -5.75 3.98 8.78
N GLY A 264 -6.18 4.84 9.70
CA GLY A 264 -5.56 6.12 9.90
C GLY A 264 -6.00 7.17 8.92
N ASN A 265 -7.13 6.93 8.23
CA ASN A 265 -7.67 7.87 7.26
C ASN A 265 -9.14 8.24 7.60
N TYR A 266 -9.58 9.43 7.15
CA TYR A 266 -10.94 9.95 7.33
C TYR A 266 -11.56 10.15 5.95
N TYR A 267 -12.72 9.54 5.75
CA TYR A 267 -13.45 9.53 4.50
C TYR A 267 -14.83 10.14 4.62
N ARG A 268 -15.32 10.73 3.51
CA ARG A 268 -16.67 11.26 3.39
C ARG A 268 -17.35 10.66 2.16
N ILE A 269 -18.57 10.11 2.34
CA ILE A 269 -19.39 9.54 1.26
C ILE A 269 -20.52 10.52 0.99
N LYS A 270 -20.49 11.04 -0.21
CA LYS A 270 -21.41 12.01 -0.78
C LYS A 270 -22.01 11.44 -2.07
N GLY A 271 -23.31 11.66 -2.28
CA GLY A 271 -24.03 11.23 -3.46
C GLY A 271 -24.55 12.41 -4.27
N LEU A 272 -24.59 12.25 -5.60
CA LEU A 272 -25.08 13.29 -6.52
C LEU A 272 -26.27 12.76 -7.32
N LYS A 273 -27.48 13.33 -7.06
CA LYS A 273 -28.77 12.98 -7.69
C LYS A 273 -28.95 13.82 -8.96
N SER A 274 -29.43 13.19 -10.05
CA SER A 274 -29.57 13.88 -11.33
C SER A 274 -30.85 13.48 -12.08
N SER A 275 -31.97 13.24 -11.32
CA SER A 275 -33.29 12.81 -11.86
C SER A 275 -33.12 11.56 -12.78
N THR A 276 -32.15 10.71 -12.37
CA THR A 276 -31.72 9.44 -12.96
C THR A 276 -31.26 8.61 -11.74
N GLU A 277 -30.00 8.19 -11.72
CA GLU A 277 -29.40 7.42 -10.64
C GLU A 277 -28.66 8.39 -9.69
N ILE A 278 -27.79 7.84 -8.83
CA ILE A 278 -26.95 8.62 -7.91
C ILE A 278 -25.47 8.29 -8.23
N GLU A 279 -24.67 9.35 -8.38
CA GLU A 279 -23.24 9.30 -8.66
C GLU A 279 -22.50 9.56 -7.35
N TRP A 280 -21.98 8.47 -6.73
CA TRP A 280 -21.33 8.49 -5.43
C TRP A 280 -19.87 8.92 -5.55
N VAL A 281 -19.43 9.68 -4.54
CA VAL A 281 -18.12 10.30 -4.36
C VAL A 281 -17.48 9.85 -3.04
N LEU A 282 -16.29 9.27 -3.13
CA LEU A 282 -15.56 8.90 -1.94
C LEU A 282 -14.37 9.85 -1.80
N GLU A 283 -14.38 10.63 -0.71
CA GLU A 283 -13.34 11.62 -0.44
C GLU A 283 -12.37 11.15 0.67
N ASN A 284 -11.08 11.35 0.45
CA ASN A 284 -10.07 11.13 1.47
C ASN A 284 -9.75 12.54 1.96
N VAL A 285 -10.32 12.89 3.10
CA VAL A 285 -10.31 14.24 3.67
C VAL A 285 -8.86 14.76 3.93
N GLU A 286 -8.02 14.02 4.64
CA GLU A 286 -6.68 14.54 4.94
C GLU A 286 -5.83 14.67 3.66
N ASP A 287 -6.01 13.79 2.67
CA ASP A 287 -5.22 13.85 1.44
C ASP A 287 -5.77 14.86 0.44
N LYS A 288 -7.04 15.28 0.62
CA LYS A 288 -7.80 16.19 -0.26
C LYS A 288 -7.82 15.56 -1.67
N GLU A 289 -8.41 14.37 -1.74
CA GLU A 289 -8.61 13.57 -2.96
C GLU A 289 -10.02 12.98 -2.97
N VAL A 290 -10.58 12.82 -4.16
CA VAL A 290 -11.91 12.31 -4.41
C VAL A 290 -11.87 11.18 -5.45
N THR A 291 -12.76 10.17 -5.31
CA THR A 291 -12.85 9.00 -6.20
C THR A 291 -14.33 8.65 -6.48
N LEU A 292 -14.67 8.58 -7.78
CA LEU A 292 -16.01 8.24 -8.28
C LEU A 292 -15.87 7.27 -9.48
N ASP A 293 -17.01 6.89 -10.08
CA ASP A 293 -17.07 5.99 -11.23
C ASP A 293 -16.81 6.76 -12.52
N LEU B 12 20.05 -37.79 -10.31
CA LEU B 12 18.71 -37.29 -10.59
C LEU B 12 18.75 -35.95 -11.36
N SER B 13 18.10 -35.89 -12.54
CA SER B 13 17.99 -34.69 -13.41
C SER B 13 16.61 -34.64 -14.12
N PHE B 14 16.15 -33.41 -14.52
CA PHE B 14 14.81 -33.20 -15.11
C PHE B 14 14.75 -31.95 -16.03
N ASP B 15 13.95 -32.04 -17.14
CA ASP B 15 13.72 -30.99 -18.12
C ASP B 15 12.30 -30.44 -17.93
N SER B 17 9.15 -27.77 -18.94
CA SER B 17 8.42 -27.01 -19.95
C SER B 17 7.86 -25.77 -19.27
N LEU B 18 8.27 -24.58 -19.75
CA LEU B 18 7.91 -23.29 -19.16
C LEU B 18 7.03 -22.47 -20.10
N VAL B 19 5.93 -21.89 -19.59
CA VAL B 19 5.04 -21.03 -20.37
C VAL B 19 5.00 -19.64 -19.72
N LEU B 20 5.45 -18.60 -20.44
CA LEU B 20 5.48 -17.21 -19.94
C LEU B 20 4.32 -16.42 -20.52
N LEU B 21 3.35 -16.05 -19.68
CA LEU B 21 2.17 -15.30 -20.09
C LEU B 21 2.24 -13.85 -19.65
N THR B 22 2.02 -12.93 -20.60
CA THR B 22 1.93 -11.49 -20.41
C THR B 22 0.55 -11.08 -20.96
N GLY B 23 -0.19 -10.31 -20.17
CA GLY B 23 -1.56 -9.88 -20.48
C GLY B 23 -2.50 -10.48 -19.47
N ASP B 24 -3.61 -11.11 -19.92
CA ASP B 24 -4.57 -11.75 -19.00
C ASP B 24 -4.08 -13.15 -18.57
N THR B 35 -5.00 -5.19 -19.33
CA THR B 35 -5.47 -5.05 -20.71
C THR B 35 -4.89 -3.74 -21.32
N TYR B 36 -5.27 -3.41 -22.60
CA TYR B 36 -4.85 -2.23 -23.40
C TYR B 36 -3.30 -2.21 -23.63
N ALA B 37 -2.63 -3.36 -23.48
CA ALA B 37 -1.20 -3.46 -23.72
C ALA B 37 -0.93 -3.67 -25.21
N THR B 38 0.05 -2.94 -25.78
CA THR B 38 0.36 -3.09 -27.20
C THR B 38 1.24 -4.34 -27.40
N THR B 39 1.37 -4.78 -28.67
CA THR B 39 2.20 -5.92 -29.08
C THR B 39 3.63 -5.63 -28.61
N GLU B 40 4.10 -4.37 -28.73
CA GLU B 40 5.43 -3.97 -28.26
C GLU B 40 5.56 -4.20 -26.75
N GLU B 41 4.58 -3.71 -25.98
CA GLU B 41 4.58 -3.79 -24.52
C GLU B 41 4.49 -5.26 -24.01
N LEU B 42 4.06 -6.20 -24.86
CA LEU B 42 3.95 -7.62 -24.52
C LEU B 42 5.18 -8.41 -24.99
N THR B 43 6.08 -7.76 -25.74
CA THR B 43 7.28 -8.40 -26.29
C THR B 43 8.32 -8.66 -25.23
N ILE B 44 8.94 -9.84 -25.32
CA ILE B 44 10.06 -10.29 -24.51
C ILE B 44 11.20 -10.57 -25.49
N GLN B 45 12.30 -9.81 -25.37
CA GLN B 45 13.47 -9.96 -26.23
C GLN B 45 14.52 -10.87 -25.59
N ASN B 46 14.50 -10.98 -24.25
CA ASN B 46 15.41 -11.79 -23.44
C ASN B 46 14.83 -12.03 -22.04
N CYS B 47 15.31 -13.05 -21.33
CA CYS B 47 14.85 -13.31 -19.96
C CYS B 47 15.90 -14.12 -19.21
N HIS B 48 15.76 -14.09 -17.90
CA HIS B 48 16.51 -14.85 -16.91
C HIS B 48 15.54 -15.73 -16.18
N VAL B 49 15.80 -17.04 -16.14
CA VAL B 49 14.93 -17.98 -15.43
C VAL B 49 15.75 -18.61 -14.29
N ALA B 50 15.24 -18.53 -13.04
CA ALA B 50 15.91 -19.08 -11.85
C ALA B 50 14.98 -20.05 -11.08
N VAL B 51 15.50 -21.27 -10.80
CA VAL B 51 14.79 -22.34 -10.08
C VAL B 51 15.41 -22.46 -8.66
N PHE B 52 14.55 -22.45 -7.62
CA PHE B 52 14.98 -22.51 -6.22
C PHE B 52 14.38 -23.70 -5.46
N ASP B 53 15.06 -24.16 -4.40
CA ASP B 53 14.55 -25.23 -3.55
C ASP B 53 13.65 -24.62 -2.44
N LYS B 54 13.15 -25.47 -1.51
CA LYS B 54 12.29 -25.05 -0.39
C LYS B 54 12.98 -24.04 0.54
N ASP B 55 14.33 -24.14 0.68
CA ASP B 55 15.15 -23.31 1.56
C ASP B 55 15.56 -21.96 0.92
N GLY B 56 15.09 -21.68 -0.29
CA GLY B 56 15.40 -20.44 -1.00
C GLY B 56 16.72 -20.46 -1.76
N LYS B 57 17.43 -21.60 -1.74
CA LYS B 57 18.71 -21.75 -2.45
C LYS B 57 18.45 -22.00 -3.93
N ARG B 58 19.18 -21.28 -4.80
CA ARG B 58 19.07 -21.44 -6.25
C ARG B 58 19.70 -22.76 -6.63
N ILE B 59 19.02 -23.54 -7.48
CA ILE B 59 19.56 -24.83 -7.92
C ILE B 59 19.85 -24.77 -9.44
N TYR B 60 19.15 -23.91 -10.18
CA TYR B 60 19.31 -23.79 -11.62
C TYR B 60 19.00 -22.39 -12.11
N PHE B 61 19.66 -21.95 -13.18
CA PHE B 61 19.34 -20.68 -13.85
C PHE B 61 19.68 -20.81 -15.34
N LYS B 62 18.88 -20.18 -16.21
CA LYS B 62 19.14 -20.17 -17.65
C LYS B 62 18.78 -18.80 -18.22
N ASN B 63 19.68 -18.23 -19.05
CA ASN B 63 19.53 -16.94 -19.71
C ASN B 63 19.18 -17.15 -21.18
N PHE B 64 18.01 -16.64 -21.60
CA PHE B 64 17.47 -16.81 -22.94
C PHE B 64 17.46 -15.50 -23.71
N TYR B 65 17.64 -15.59 -25.03
CA TYR B 65 17.62 -14.43 -25.93
C TYR B 65 16.60 -14.70 -27.06
N SER B 66 16.37 -13.71 -27.95
CA SER B 66 15.30 -13.74 -28.97
C SER B 66 15.28 -15.06 -29.81
N LYS B 67 16.45 -15.65 -30.13
CA LYS B 67 16.51 -16.89 -30.91
C LYS B 67 16.00 -18.11 -30.08
N ASP B 68 16.11 -18.04 -28.74
CA ASP B 68 15.74 -19.10 -27.80
C ASP B 68 14.27 -19.05 -27.41
N LEU B 69 13.73 -17.82 -27.24
CA LEU B 69 12.35 -17.53 -26.82
C LEU B 69 11.34 -17.97 -27.86
N GLY B 70 11.79 -18.12 -29.09
CA GLY B 70 10.99 -18.58 -30.20
C GLY B 70 9.92 -17.61 -30.60
N GLU B 71 8.91 -18.18 -31.27
CA GLU B 71 7.75 -17.49 -31.79
C GLU B 71 6.90 -16.98 -30.64
N LYS B 73 3.66 -16.31 -29.40
CA LYS B 73 2.30 -16.74 -29.72
C LYS B 73 1.34 -15.70 -29.16
N THR B 74 0.37 -15.24 -29.94
CA THR B 74 -0.49 -14.22 -29.37
C THR B 74 -1.95 -14.56 -29.59
N ILE B 75 -2.81 -13.90 -28.82
CA ILE B 75 -4.26 -13.83 -28.91
C ILE B 75 -4.60 -12.32 -28.77
N GLY B 76 -5.81 -12.00 -28.34
CA GLY B 76 -6.24 -10.62 -28.13
C GLY B 76 -5.64 -10.00 -26.88
N ASN B 77 -4.50 -9.28 -27.07
CA ASN B 77 -3.71 -8.53 -26.08
C ASN B 77 -3.31 -9.43 -24.87
N LEU B 78 -2.86 -10.64 -25.21
CA LEU B 78 -2.37 -11.68 -24.31
C LEU B 78 -1.33 -12.44 -25.08
N SER B 79 -0.06 -12.18 -24.75
CA SER B 79 1.06 -12.82 -25.40
C SER B 79 1.56 -13.97 -24.55
N GLY B 80 2.26 -14.88 -25.19
CA GLY B 80 2.88 -16.01 -24.51
C GLY B 80 4.04 -16.62 -25.27
N TYR B 81 5.04 -17.05 -24.50
CA TYR B 81 6.24 -17.71 -24.99
C TYR B 81 6.42 -19.04 -24.30
N GLU B 82 6.96 -20.02 -25.03
CA GLU B 82 7.27 -21.36 -24.52
C GLU B 82 8.79 -21.52 -24.42
N LEU B 83 9.26 -22.05 -23.28
CA LEU B 83 10.68 -22.27 -23.01
C LEU B 83 10.95 -23.63 -22.39
N GLN B 84 12.15 -24.14 -22.63
CA GLN B 84 12.65 -25.40 -22.08
C GLN B 84 13.82 -25.15 -21.17
N LEU B 85 13.76 -25.77 -20.00
CA LEU B 85 14.76 -25.74 -18.93
C LEU B 85 15.43 -27.10 -18.83
N GLU B 86 16.45 -27.35 -19.68
CA GLU B 86 17.15 -28.63 -19.72
C GLU B 86 18.12 -28.77 -18.55
N GLY B 87 18.23 -29.99 -18.03
CA GLY B 87 19.17 -30.37 -16.98
C GLY B 87 19.03 -29.72 -15.62
N VAL B 88 17.82 -29.69 -15.06
CA VAL B 88 17.62 -29.20 -13.70
C VAL B 88 17.97 -30.38 -12.78
N ARG B 89 19.03 -30.23 -11.96
CA ARG B 89 19.49 -31.32 -11.11
C ARG B 89 18.81 -31.33 -9.73
N THR B 90 18.25 -32.52 -9.37
CA THR B 90 17.59 -32.83 -8.11
C THR B 90 18.39 -33.95 -7.43
N PHE B 91 17.95 -34.46 -6.25
CA PHE B 91 18.74 -35.47 -5.56
C PHE B 91 17.87 -36.63 -5.02
N GLY B 92 17.09 -36.37 -3.97
CA GLY B 92 16.29 -37.39 -3.31
C GLY B 92 14.79 -37.21 -3.29
N LYS B 93 14.12 -38.13 -2.54
CA LYS B 93 12.68 -38.28 -2.32
C LYS B 93 12.00 -38.68 -3.66
N GLU B 94 10.66 -38.70 -3.68
CA GLU B 94 9.87 -39.01 -4.86
C GLU B 94 9.48 -37.71 -5.56
N ASP B 95 9.13 -36.71 -4.74
CA ASP B 95 8.72 -35.38 -5.17
C ASP B 95 9.60 -34.32 -4.51
N LYS B 96 9.95 -33.26 -5.29
CA LYS B 96 10.75 -32.12 -4.83
C LYS B 96 10.04 -30.81 -5.24
N LYS B 97 9.45 -30.12 -4.24
CA LYS B 97 8.73 -28.86 -4.40
C LYS B 97 9.73 -27.74 -4.66
N VAL B 98 9.58 -27.01 -5.78
CA VAL B 98 10.49 -25.92 -6.18
C VAL B 98 9.69 -24.68 -6.64
N SER B 99 10.37 -23.52 -6.76
CA SER B 99 9.76 -22.29 -7.28
C SER B 99 10.61 -21.77 -8.46
N VAL B 100 9.94 -21.24 -9.49
CA VAL B 100 10.60 -20.70 -10.68
C VAL B 100 10.27 -19.20 -10.77
N LEU B 101 11.33 -18.35 -10.86
CA LEU B 101 11.31 -16.89 -10.99
C LEU B 101 11.81 -16.46 -12.38
N VAL B 102 11.05 -15.62 -13.07
CA VAL B 102 11.42 -15.17 -14.41
C VAL B 102 11.58 -13.64 -14.42
N VAL B 103 12.72 -13.14 -14.92
CA VAL B 103 12.93 -11.71 -15.07
C VAL B 103 13.11 -11.47 -16.57
N ALA B 104 12.17 -10.77 -17.19
CA ALA B 104 12.21 -10.55 -18.65
C ALA B 104 12.71 -9.16 -19.00
N ASN B 105 13.48 -9.06 -20.10
CA ASN B 105 14.08 -7.89 -20.76
C ASN B 105 15.05 -7.08 -19.88
N ALA B 106 15.80 -7.77 -18.97
CA ALA B 106 16.77 -7.13 -18.06
C ALA B 106 18.19 -7.69 -18.26
N ASN B 107 18.38 -8.68 -19.17
CA ASN B 107 19.69 -9.25 -19.47
C ASN B 107 20.60 -8.23 -20.13
N ASN B 108 21.91 -8.51 -20.06
CA ASN B 108 22.97 -7.79 -20.75
C ASN B 108 23.15 -8.47 -22.12
N ALA B 109 24.13 -8.07 -22.92
CA ALA B 109 24.28 -8.67 -24.26
C ALA B 109 24.55 -10.18 -24.22
N ASN B 110 25.41 -10.66 -23.28
CA ASN B 110 25.76 -12.08 -23.27
C ASN B 110 25.75 -12.69 -21.83
N ASN B 111 24.96 -12.12 -20.88
CA ASN B 111 24.69 -12.62 -19.51
C ASN B 111 23.59 -11.77 -18.85
N SER B 112 23.22 -12.06 -17.58
CA SER B 112 22.24 -11.23 -16.88
C SER B 112 22.86 -10.65 -15.62
N PRO B 113 22.30 -9.54 -15.08
CA PRO B 113 22.82 -9.02 -13.80
C PRO B 113 22.49 -9.91 -12.57
N PHE B 114 21.78 -11.05 -12.77
CA PHE B 114 21.33 -11.92 -11.68
C PHE B 114 22.12 -13.24 -11.60
N ASP B 115 23.09 -13.44 -12.50
CA ASP B 115 23.88 -14.67 -12.63
C ASP B 115 24.66 -15.04 -11.35
N ASN B 116 25.12 -14.03 -10.56
CA ASN B 116 25.89 -14.25 -9.33
C ASN B 116 24.98 -14.33 -8.07
N LEU B 117 23.64 -14.21 -8.24
CA LEU B 117 22.69 -14.30 -7.13
C LEU B 117 22.43 -15.78 -6.83
N THR B 118 22.87 -16.26 -5.66
CA THR B 118 22.85 -17.69 -5.28
C THR B 118 21.66 -18.08 -4.38
N THR B 119 20.91 -17.11 -3.81
CA THR B 119 19.72 -17.37 -2.99
C THR B 119 18.58 -16.43 -3.37
N TYR B 120 17.31 -16.84 -3.14
CA TYR B 120 16.15 -16.00 -3.42
C TYR B 120 16.07 -14.87 -2.37
N ASP B 121 15.99 -15.22 -1.07
CA ASP B 121 15.96 -14.26 0.02
C ASP B 121 17.17 -14.51 0.89
N GLY B 122 18.04 -13.50 1.00
CA GLY B 122 19.28 -13.55 1.75
C GLY B 122 19.82 -12.18 2.07
N VAL B 123 20.86 -12.11 2.91
CA VAL B 123 21.49 -10.85 3.32
C VAL B 123 22.35 -10.32 2.17
N ASP B 124 23.24 -11.19 1.62
CA ASP B 124 24.13 -10.88 0.50
C ASP B 124 23.78 -11.71 -0.74
N ASN B 125 24.03 -11.15 -1.94
CA ASN B 125 23.85 -11.73 -3.29
C ASN B 125 22.49 -12.46 -3.41
N SER B 126 21.40 -11.74 -3.13
CA SER B 126 20.06 -12.32 -3.23
C SER B 126 19.18 -11.55 -4.23
N TYR B 127 18.12 -12.23 -4.72
CA TYR B 127 17.14 -11.69 -5.65
C TYR B 127 16.28 -10.63 -4.99
N THR B 128 15.97 -10.81 -3.69
CA THR B 128 15.14 -9.86 -2.93
C THR B 128 15.93 -8.56 -2.64
N ALA B 129 17.26 -8.64 -2.52
CA ALA B 129 18.11 -7.47 -2.29
C ALA B 129 18.47 -6.75 -3.60
N LYS B 130 18.37 -7.46 -4.75
CA LYS B 130 18.75 -6.94 -6.07
C LYS B 130 17.86 -5.75 -6.50
N THR B 131 18.55 -4.73 -7.00
CA THR B 131 18.02 -3.50 -7.57
C THR B 131 18.59 -3.33 -8.97
N ILE B 132 17.69 -3.17 -9.95
CA ILE B 132 18.07 -2.90 -11.35
C ILE B 132 17.84 -1.41 -11.57
N ALA B 133 18.76 -0.74 -12.29
CA ALA B 133 18.74 0.71 -12.53
C ALA B 133 18.52 1.05 -14.01
N LYS B 134 17.97 0.10 -14.81
CA LYS B 134 17.68 0.32 -16.23
C LYS B 134 16.19 0.61 -16.36
N GLY B 135 15.89 1.91 -16.49
CA GLY B 135 14.56 2.47 -16.55
C GLY B 135 13.69 2.08 -17.73
N PRO B 136 12.35 2.11 -17.53
CA PRO B 136 11.43 1.79 -18.63
C PRO B 136 11.38 2.92 -19.68
N VAL B 137 11.88 2.68 -20.91
CA VAL B 137 11.95 3.70 -21.97
C VAL B 137 11.37 3.15 -23.29
N THR B 138 11.87 1.99 -23.75
CA THR B 138 11.49 1.31 -24.98
C THR B 138 10.33 0.34 -24.67
N ALA B 139 9.20 0.51 -25.39
CA ALA B 139 7.97 -0.28 -25.25
C ALA B 139 8.23 -1.78 -25.44
N SER B 140 9.10 -2.14 -26.41
CA SER B 140 9.47 -3.53 -26.74
C SER B 140 10.59 -4.09 -25.82
N LEU B 141 11.12 -3.31 -24.87
CA LEU B 141 12.13 -3.80 -23.93
C LEU B 141 11.74 -3.35 -22.49
N LEU B 142 10.46 -3.58 -22.12
CA LEU B 142 9.93 -3.30 -20.78
C LEU B 142 10.11 -4.53 -19.90
N VAL B 143 10.59 -4.34 -18.67
CA VAL B 143 10.88 -5.45 -17.77
C VAL B 143 9.59 -5.98 -17.17
N LYS B 144 9.47 -7.32 -17.19
CA LYS B 144 8.37 -8.10 -16.62
C LYS B 144 8.95 -9.12 -15.64
N ILE B 145 8.22 -9.43 -14.55
CA ILE B 145 8.69 -10.40 -13.56
C ILE B 145 7.53 -11.30 -13.13
N GLY B 146 7.83 -12.54 -12.81
CA GLY B 146 6.83 -13.51 -12.37
C GLY B 146 7.44 -14.63 -11.56
N LYS B 147 6.62 -15.29 -10.72
CA LYS B 147 7.04 -16.42 -9.89
C LYS B 147 5.92 -17.45 -9.78
N SER B 148 6.28 -18.75 -9.92
CA SER B 148 5.34 -19.85 -9.79
C SER B 148 5.96 -21.00 -8.99
N GLU B 149 5.13 -21.66 -8.17
CA GLU B 149 5.53 -22.79 -7.34
C GLU B 149 5.02 -24.09 -7.98
N THR B 150 5.88 -25.12 -8.04
CA THR B 150 5.53 -26.43 -8.64
C THR B 150 6.29 -27.57 -7.91
N THR B 151 5.96 -28.83 -8.24
CA THR B 151 6.59 -30.01 -7.68
C THR B 151 7.12 -30.88 -8.82
N LEU B 152 8.42 -31.24 -8.76
CA LEU B 152 9.07 -32.08 -9.77
C LEU B 152 8.83 -33.56 -9.43
N PRO B 160 4.51 -29.20 -17.46
CA PRO B 160 4.47 -27.88 -18.11
C PRO B 160 3.96 -26.82 -17.11
N VAL B 161 4.85 -25.86 -16.74
CA VAL B 161 4.56 -24.85 -15.71
C VAL B 161 4.41 -23.46 -16.36
N THR B 162 3.28 -22.83 -16.02
CA THR B 162 2.96 -21.49 -16.50
C THR B 162 3.41 -20.46 -15.46
N VAL B 163 4.07 -19.40 -15.93
CA VAL B 163 4.52 -18.26 -15.12
C VAL B 163 3.80 -17.01 -15.66
N SER B 164 2.96 -16.39 -14.80
CA SER B 164 2.27 -15.16 -15.16
C SER B 164 3.16 -13.99 -14.82
N LEU B 165 3.58 -13.25 -15.85
CA LEU B 165 4.47 -12.11 -15.71
C LEU B 165 3.70 -10.82 -15.59
N ILE B 166 4.14 -9.95 -14.67
CA ILE B 166 3.55 -8.62 -14.54
C ILE B 166 4.55 -7.62 -15.08
N GLN B 167 4.03 -6.49 -15.50
CA GLN B 167 4.73 -5.30 -15.94
C GLN B 167 5.33 -4.65 -14.70
N LEU B 168 6.67 -4.52 -14.61
CA LEU B 168 7.31 -3.96 -13.42
C LEU B 168 7.14 -2.43 -13.37
N SER B 169 6.82 -1.82 -14.52
CA SER B 169 6.58 -0.40 -14.63
C SER B 169 5.09 -0.09 -14.68
N ALA B 170 4.78 1.19 -14.47
CA ALA B 170 3.44 1.77 -14.66
C ALA B 170 3.42 2.49 -16.00
N LYS B 171 2.28 2.45 -16.70
CA LYS B 171 2.10 3.12 -17.99
C LYS B 171 1.25 4.39 -17.74
N ILE B 172 1.76 5.59 -18.10
CA ILE B 172 0.99 6.83 -17.91
C ILE B 172 0.86 7.55 -19.25
N GLU B 173 -0.41 7.88 -19.63
CA GLU B 173 -0.72 8.61 -20.86
C GLU B 173 -1.39 9.96 -20.55
N TYR B 174 -0.79 11.05 -21.01
CA TYR B 174 -1.36 12.39 -20.87
C TYR B 174 -2.27 12.62 -22.07
N THR B 175 -3.58 12.85 -21.84
CA THR B 175 -4.58 12.97 -22.92
C THR B 175 -5.02 14.44 -23.15
N GLY B 176 -4.46 15.38 -22.39
CA GLY B 176 -4.72 16.81 -22.63
C GLY B 176 -5.60 17.59 -21.67
N VAL B 177 -5.90 18.83 -22.08
CA VAL B 177 -6.74 19.76 -21.32
C VAL B 177 -8.03 20.01 -22.13
N TYR B 178 -9.18 19.86 -21.45
CA TYR B 178 -10.52 19.95 -22.02
C TYR B 178 -11.35 21.03 -21.34
N LYS B 179 -12.41 21.52 -22.01
CA LYS B 179 -13.27 22.52 -21.41
C LYS B 179 -14.26 21.77 -20.51
N LYS B 180 -14.22 22.07 -19.20
CA LYS B 180 -15.05 21.48 -18.13
C LYS B 180 -16.55 21.48 -18.45
N GLU B 181 -17.00 22.50 -19.21
CA GLU B 181 -18.40 22.76 -19.56
C GLU B 181 -18.96 21.87 -20.68
N ASN B 182 -18.16 21.49 -21.69
CA ASN B 182 -18.70 20.72 -22.83
C ASN B 182 -17.86 19.48 -23.20
N GLY B 183 -16.66 19.34 -22.63
CA GLY B 183 -15.77 18.21 -22.89
C GLY B 183 -14.94 18.36 -24.14
N GLU B 184 -14.95 19.56 -24.72
CA GLU B 184 -14.23 19.92 -25.92
C GLU B 184 -12.74 20.07 -25.62
N LEU B 185 -11.90 19.46 -26.45
CA LEU B 185 -10.45 19.48 -26.33
C LEU B 185 -9.92 20.85 -26.75
N LEU B 186 -9.07 21.46 -25.90
CA LEU B 186 -8.44 22.74 -26.18
C LEU B 186 -7.16 22.57 -26.98
N GLU B 187 -6.84 23.55 -27.85
CA GLU B 187 -5.60 23.57 -28.60
C GLU B 187 -4.48 24.02 -27.66
N GLY B 188 -3.28 23.52 -27.89
CA GLY B 188 -2.14 23.85 -27.04
C GLY B 188 -2.07 22.92 -25.85
N PHE B 189 -1.62 23.44 -24.69
CA PHE B 189 -1.44 22.70 -23.44
C PHE B 189 -0.53 21.47 -23.73
N SER B 190 0.62 21.74 -24.36
CA SER B 190 1.63 20.74 -24.70
C SER B 190 2.38 20.26 -23.45
N LEU B 191 2.63 18.95 -23.34
CA LEU B 191 3.39 18.39 -22.21
C LEU B 191 4.88 18.56 -22.54
N THR B 192 5.56 19.50 -21.85
CA THR B 192 6.95 19.89 -22.09
C THR B 192 7.96 19.17 -21.20
N LYS B 193 7.53 18.69 -20.02
CA LYS B 193 8.43 18.00 -19.08
C LYS B 193 7.65 17.09 -18.12
N VAL B 194 8.26 15.97 -17.72
CA VAL B 194 7.76 15.01 -16.72
C VAL B 194 8.96 14.73 -15.78
N ALA B 195 8.94 15.35 -14.58
CA ALA B 195 10.01 15.28 -13.57
C ALA B 195 9.62 14.38 -12.41
N GLY B 196 10.56 13.54 -11.98
CA GLY B 196 10.36 12.62 -10.86
C GLY B 196 10.08 11.18 -11.24
N LEU B 197 10.22 10.82 -12.53
CA LEU B 197 10.05 9.45 -13.01
C LEU B 197 11.19 8.60 -12.45
N ASN B 198 10.92 7.33 -12.08
CA ASN B 198 11.87 6.44 -11.44
C ASN B 198 12.49 5.43 -12.43
N ALA B 199 13.83 5.27 -12.38
CA ALA B 199 14.61 4.37 -13.23
C ALA B 199 15.13 3.13 -12.47
N SER B 200 14.97 3.07 -11.13
CA SER B 200 15.45 1.92 -10.34
C SER B 200 14.30 1.12 -9.72
N SER B 201 14.49 -0.20 -9.57
CA SER B 201 13.44 -1.05 -9.00
C SER B 201 13.98 -2.34 -8.39
N LYS B 202 13.19 -2.90 -7.46
CA LYS B 202 13.34 -4.22 -6.88
C LYS B 202 12.67 -5.21 -7.86
N ILE B 203 13.09 -6.47 -7.90
CA ILE B 203 12.61 -7.45 -8.88
C ILE B 203 11.84 -8.64 -8.24
N THR B 204 11.41 -8.52 -6.97
CA THR B 204 10.74 -9.62 -6.30
C THR B 204 9.36 -9.19 -5.77
N ILE B 205 8.84 -8.07 -6.33
CA ILE B 205 7.60 -7.42 -5.94
C ILE B 205 6.54 -7.71 -7.03
N PHE B 206 5.42 -8.34 -6.63
CA PHE B 206 4.43 -8.81 -7.59
C PHE B 206 2.98 -8.30 -7.34
N ASN B 207 2.75 -7.38 -6.38
CA ASN B 207 1.39 -6.92 -6.13
C ASN B 207 1.04 -5.75 -7.06
N THR B 208 0.14 -6.00 -8.01
CA THR B 208 -0.30 -4.99 -9.00
C THR B 208 -1.42 -4.11 -8.39
N SER B 209 -1.54 -4.08 -7.04
CA SER B 209 -2.54 -3.30 -6.31
C SER B 209 -1.91 -2.43 -5.20
N ALA B 210 -0.63 -2.67 -4.85
CA ALA B 210 0.03 -1.90 -3.80
C ALA B 210 1.45 -1.51 -4.23
N VAL B 211 1.90 -0.30 -3.85
CA VAL B 211 3.23 0.20 -4.18
C VAL B 211 4.22 -0.50 -3.20
N GLU B 212 5.22 -1.22 -3.76
CA GLU B 212 6.20 -2.02 -2.99
C GLU B 212 7.67 -1.61 -3.27
N ASN B 213 7.96 -0.96 -4.42
CA ASN B 213 9.32 -0.59 -4.80
C ASN B 213 9.89 0.56 -3.95
N GLY B 214 10.92 0.22 -3.17
CA GLY B 214 11.68 1.14 -2.32
C GLY B 214 12.89 1.75 -3.00
N ALA B 215 13.32 1.18 -4.14
CA ALA B 215 14.45 1.67 -4.94
C ALA B 215 14.07 2.89 -5.75
N PHE B 216 14.99 3.86 -5.90
CA PHE B 216 14.73 5.07 -6.66
C PHE B 216 16.03 5.70 -7.23
N SER B 217 15.94 6.15 -8.50
CA SER B 217 16.93 6.94 -9.24
C SER B 217 16.17 7.70 -10.33
N ASP B 218 16.65 8.90 -10.70
CA ASP B 218 16.00 9.77 -11.69
C ASP B 218 16.00 9.16 -13.10
N LEU B 219 14.79 9.00 -13.69
CA LEU B 219 14.56 8.56 -15.07
C LEU B 219 14.27 9.79 -15.90
N ALA B 220 15.05 10.00 -16.97
CA ALA B 220 14.92 11.17 -17.84
C ALA B 220 13.69 11.10 -18.72
N TYR B 221 13.03 12.26 -18.88
CA TYR B 221 11.91 12.43 -19.80
C TYR B 221 12.51 12.58 -21.20
N PRO B 222 12.17 11.69 -22.18
CA PRO B 222 12.80 11.78 -23.51
C PRO B 222 12.65 13.16 -24.16
N THR B 223 13.61 13.48 -25.04
CA THR B 223 13.69 14.73 -25.78
C THR B 223 12.60 14.80 -26.88
N THR B 224 11.95 13.63 -27.18
CA THR B 224 10.84 13.50 -28.14
C THR B 224 9.51 13.93 -27.48
N LYS B 225 9.54 14.18 -26.14
CA LYS B 225 8.42 14.60 -25.29
C LYS B 225 7.17 13.71 -25.58
N PRO B 226 7.23 12.38 -25.32
CA PRO B 226 6.07 11.53 -25.62
C PRO B 226 4.89 11.75 -24.66
N VAL B 227 3.70 11.45 -25.17
CA VAL B 227 2.39 11.55 -24.55
C VAL B 227 2.14 10.27 -23.70
N THR B 228 2.71 9.11 -24.11
CA THR B 228 2.69 7.86 -23.35
C THR B 228 4.11 7.63 -22.82
N PHE B 229 4.25 7.51 -21.49
CA PHE B 229 5.56 7.33 -20.87
C PHE B 229 5.45 6.34 -19.68
N TYR B 230 6.61 5.86 -19.16
CA TYR B 230 6.69 4.84 -18.11
C TYR B 230 7.60 5.24 -16.94
N THR B 231 7.43 4.54 -15.82
CA THR B 231 8.17 4.69 -14.58
C THR B 231 8.04 3.45 -13.70
N TYR B 232 9.05 3.17 -12.87
CA TYR B 232 8.94 2.14 -11.85
C TYR B 232 8.22 2.77 -10.65
N GLU B 233 7.59 1.95 -9.76
CA GLU B 233 6.86 2.37 -8.54
C GLU B 233 7.67 3.26 -7.65
N ILE B 234 6.99 4.16 -6.93
CA ILE B 234 7.60 5.09 -5.97
C ILE B 234 6.88 4.93 -4.63
N SER B 235 7.56 4.42 -3.57
CA SER B 235 6.97 4.20 -2.24
C SER B 235 6.87 5.48 -1.39
N ASP B 236 7.90 6.34 -1.43
CA ASP B 236 7.92 7.58 -0.64
C ASP B 236 6.64 8.38 -0.91
N ALA B 237 5.92 8.67 0.19
CA ALA B 237 4.65 9.40 0.19
C ALA B 237 4.86 10.90 -0.08
N PHE B 238 6.09 11.39 0.05
CA PHE B 238 6.37 12.80 -0.17
C PHE B 238 6.97 13.05 -1.59
N LYS B 239 7.28 11.99 -2.39
CA LYS B 239 7.80 12.19 -3.75
C LYS B 239 6.67 12.53 -4.69
N GLU B 240 7.00 13.29 -5.75
CA GLU B 240 6.02 13.76 -6.72
C GLU B 240 6.50 13.60 -8.14
N VAL B 241 5.54 13.38 -9.05
CA VAL B 241 5.74 13.34 -10.49
C VAL B 241 5.11 14.65 -10.99
N ILE B 242 5.96 15.58 -11.46
CA ILE B 242 5.55 16.93 -11.82
C ILE B 242 5.51 17.11 -13.35
N LEU B 243 4.31 17.39 -13.88
CA LEU B 243 4.02 17.65 -15.30
C LEU B 243 4.11 19.14 -15.59
N SER B 244 4.90 19.53 -16.60
CA SER B 244 5.03 20.92 -17.05
C SER B 244 4.28 21.06 -18.37
N VAL B 245 3.12 21.73 -18.31
CA VAL B 245 2.20 21.91 -19.44
C VAL B 245 2.12 23.40 -19.79
N GLN B 246 2.17 23.74 -21.12
CA GLN B 246 2.11 25.11 -21.64
C GLN B 246 0.82 25.82 -21.24
N SER B 247 0.97 27.00 -20.65
CA SER B 247 -0.13 27.83 -20.19
C SER B 247 0.03 29.27 -20.72
N GLY B 248 0.84 29.41 -21.77
CA GLY B 248 1.14 30.67 -22.42
C GLY B 248 2.62 30.85 -22.70
N VAL B 249 3.23 31.89 -22.12
CA VAL B 249 4.65 32.22 -22.27
C VAL B 249 5.53 31.13 -21.62
N GLU B 250 5.32 30.85 -20.32
CA GLU B 250 6.07 29.84 -19.57
C GLU B 250 5.17 28.65 -19.21
N PRO B 251 5.66 27.39 -19.28
CA PRO B 251 4.80 26.24 -18.91
C PRO B 251 4.71 26.06 -17.40
N LYS B 252 3.48 25.96 -16.86
CA LYS B 252 3.24 25.81 -15.43
C LYS B 252 3.47 24.36 -14.98
N GLU B 253 3.95 24.19 -13.72
CA GLU B 253 4.18 22.88 -13.10
C GLU B 253 2.91 22.41 -12.41
N TYR B 254 2.64 21.10 -12.49
CA TYR B 254 1.46 20.46 -11.88
C TYR B 254 1.91 19.15 -11.20
N PRO B 255 1.85 19.07 -9.85
CA PRO B 255 2.35 17.87 -9.15
C PRO B 255 1.27 16.82 -8.86
N PHE B 256 1.67 15.53 -8.96
CA PHE B 256 0.83 14.35 -8.69
C PHE B 256 1.51 13.46 -7.64
N PRO B 257 0.76 12.76 -6.74
CA PRO B 257 1.43 11.89 -5.77
C PRO B 257 2.02 10.68 -6.48
N ALA B 258 3.36 10.57 -6.40
CA ALA B 258 4.15 9.55 -7.08
C ALA B 258 3.71 8.13 -6.73
N ASN B 259 3.23 7.89 -5.50
CA ASN B 259 2.80 6.58 -5.02
C ASN B 259 1.39 6.16 -5.59
N LYS B 260 0.76 7.00 -6.46
CA LYS B 260 -0.52 6.63 -7.08
C LYS B 260 -0.29 5.72 -8.30
N PHE B 261 0.94 5.69 -8.85
CA PHE B 261 1.30 4.94 -10.06
C PHE B 261 1.95 3.61 -9.66
N ILE B 262 1.13 2.55 -9.63
CA ILE B 262 1.53 1.19 -9.23
C ILE B 262 1.91 0.37 -10.47
N LYS B 263 2.88 -0.54 -10.31
CA LYS B 263 3.36 -1.44 -11.36
C LYS B 263 2.23 -2.29 -11.92
N GLY B 264 2.28 -2.52 -13.23
CA GLY B 264 1.29 -3.33 -13.91
C GLY B 264 -0.04 -2.64 -14.08
N ASN B 265 -0.06 -1.29 -14.02
CA ASN B 265 -1.28 -0.50 -14.21
C ASN B 265 -1.10 0.53 -15.33
N TYR B 266 -2.21 0.95 -15.97
CA TYR B 266 -2.25 1.93 -17.06
C TYR B 266 -3.12 3.08 -16.61
N TYR B 267 -2.54 4.29 -16.67
CA TYR B 267 -3.15 5.53 -16.21
C TYR B 267 -3.30 6.55 -17.32
N ARG B 268 -4.31 7.41 -17.22
CA ARG B 268 -4.56 8.54 -18.12
C ARG B 268 -4.73 9.84 -17.31
N ILE B 269 -3.94 10.90 -17.64
CA ILE B 269 -4.00 12.20 -16.97
C ILE B 269 -4.68 13.20 -17.92
N LYS B 270 -5.88 13.63 -17.54
CA LYS B 270 -6.77 14.58 -18.23
C LYS B 270 -6.98 15.82 -17.34
N GLY B 271 -7.01 17.00 -17.96
CA GLY B 271 -7.25 18.27 -17.27
C GLY B 271 -8.54 18.94 -17.69
N LEU B 272 -9.20 19.65 -16.76
CA LEU B 272 -10.46 20.35 -17.03
C LEU B 272 -10.29 21.84 -16.73
N LYS B 273 -10.32 22.68 -17.80
CA LYS B 273 -10.15 24.14 -17.76
C LYS B 273 -11.51 24.80 -17.52
N SER B 274 -11.54 25.84 -16.68
CA SER B 274 -12.75 26.60 -16.33
C SER B 274 -12.36 28.04 -15.88
N SER B 275 -13.04 28.58 -14.86
CA SER B 275 -12.76 29.87 -14.26
C SER B 275 -11.61 29.71 -13.27
N THR B 276 -11.67 28.62 -12.46
CA THR B 276 -10.72 28.23 -11.42
C THR B 276 -9.51 27.44 -12.02
N GLU B 277 -8.93 28.01 -13.09
CA GLU B 277 -7.76 27.57 -13.84
C GLU B 277 -7.90 26.11 -14.37
N ILE B 278 -7.52 25.05 -13.58
CA ILE B 278 -7.51 23.64 -14.05
C ILE B 278 -7.87 22.63 -12.90
N GLU B 279 -8.57 21.53 -13.27
CA GLU B 279 -8.99 20.43 -12.39
C GLU B 279 -8.56 19.11 -13.03
N TRP B 280 -7.46 18.53 -12.52
CA TRP B 280 -6.83 17.33 -13.08
C TRP B 280 -7.52 16.05 -12.61
N VAL B 281 -7.67 15.10 -13.56
CA VAL B 281 -8.30 13.80 -13.35
C VAL B 281 -7.27 12.68 -13.64
N LEU B 282 -7.08 11.73 -12.69
CA LEU B 282 -6.19 10.59 -12.83
C LEU B 282 -7.06 9.33 -12.93
N GLU B 283 -7.00 8.65 -14.08
CA GLU B 283 -7.79 7.46 -14.33
C GLU B 283 -6.93 6.18 -14.28
N ASN B 284 -7.46 5.14 -13.62
CA ASN B 284 -6.87 3.81 -13.63
C ASN B 284 -7.72 3.05 -14.63
N VAL B 285 -7.21 3.02 -15.87
CA VAL B 285 -7.86 2.51 -17.08
C VAL B 285 -8.40 1.07 -16.86
N GLU B 286 -7.60 0.13 -16.32
CA GLU B 286 -8.04 -1.26 -16.16
C GLU B 286 -9.14 -1.39 -15.08
N ASP B 287 -8.97 -0.73 -13.91
CA ASP B 287 -9.92 -0.77 -12.79
C ASP B 287 -11.19 0.03 -13.04
N LYS B 288 -11.17 0.93 -14.05
CA LYS B 288 -12.23 1.86 -14.45
C LYS B 288 -12.60 2.69 -13.19
N GLU B 289 -11.58 3.41 -12.67
CA GLU B 289 -11.63 4.24 -11.47
C GLU B 289 -10.86 5.56 -11.69
N VAL B 290 -11.52 6.70 -11.41
CA VAL B 290 -11.01 8.07 -11.59
C VAL B 290 -10.79 8.74 -10.23
N THR B 291 -9.75 9.61 -10.14
CA THR B 291 -9.37 10.35 -8.94
C THR B 291 -8.99 11.81 -9.27
N LEU B 292 -9.68 12.76 -8.60
CA LEU B 292 -9.45 14.20 -8.74
C LEU B 292 -9.45 14.88 -7.37
N ASP B 293 -9.26 16.23 -7.37
CA ASP B 293 -9.24 17.07 -6.16
C ASP B 293 -10.68 17.39 -5.74
N PRO B 294 -10.90 17.87 -4.49
CA PRO B 294 -12.30 18.15 -4.08
C PRO B 294 -13.02 19.11 -5.02
N PHE B 295 -14.39 19.12 -4.94
CA PHE B 295 -15.34 19.93 -5.71
C PHE B 295 -15.08 19.81 -7.22
#